data_8TKN
#
_entry.id   8TKN
#
_cell.length_a   67.006
_cell.length_b   102.644
_cell.length_c   127.704
_cell.angle_alpha   90.000
_cell.angle_beta   90.000
_cell.angle_gamma   90.000
#
_symmetry.space_group_name_H-M   'P 21 21 21'
#
loop_
_entity.id
_entity.type
_entity.pdbx_description
1 polymer 'Nuclear factor NF-kappa-B p50 subunit'
2 polymer 'DNA A'
3 polymer 'DNA B'
#
loop_
_entity_poly.entity_id
_entity_poly.type
_entity_poly.pdbx_seq_one_letter_code
_entity_poly.pdbx_strand_id
1 'polypeptide(L)'
;GPYLQILEQPKQRGFRFRYVCEGPSHGGLPGASSEKNKKSYPQVKICNYVGPAKVIVQLVTNGKNIHLHAHSLVGKHCED
GVCTVTAGPKDMVVGFANLGILHVTKKKVFETLEARMTEACIRGYNPGLLVHSDLAYLQAEGGGDRQLTDREKEIIRQAA
VQQTKEMDLSVVRLMFTAFLPDSTGSFTRRLEPVVSDAIYDSKAPNASNLKIVRMDRTAGCVTGGEEIYLLCDKVQKDDI
QIRFYEEEENGGVWEGFGDFSPTDVHRQFAIVFKTPKYKDVNITKPASVFVQLRRKSDLETSEPKPFLYYPE
;
A,B
2 'polydeoxyribonucleotide' (DG)(DG)(DG)(DA)(DA)(DT)(DG)(DT)(DC)(DC) C,E
3 'polydeoxyribonucleotide' (DG)(DG)(DA)(DC)(DA)(DT)(DT)(DC)(DC)(DC) D,F
#
loop_
_chem_comp.id
_chem_comp.type
_chem_comp.name
_chem_comp.formula
DA DNA linking 2'-DEOXYADENOSINE-5'-MONOPHOSPHATE 'C10 H14 N5 O6 P'
DC DNA linking 2'-DEOXYCYTIDINE-5'-MONOPHOSPHATE 'C9 H14 N3 O7 P'
DG DNA linking 2'-DEOXYGUANOSINE-5'-MONOPHOSPHATE 'C10 H14 N5 O7 P'
DT DNA linking THYMIDINE-5'-MONOPHOSPHATE 'C10 H15 N2 O8 P'
#
# COMPACT_ATOMS: atom_id res chain seq x y z
N GLY A 1 -9.19 -0.81 -49.69
CA GLY A 1 -10.40 -1.47 -49.23
C GLY A 1 -10.98 -0.84 -47.97
N PRO A 2 -11.80 -1.60 -47.25
CA PRO A 2 -12.39 -1.07 -46.01
C PRO A 2 -11.46 -1.21 -44.83
N TYR A 3 -11.48 -0.20 -43.94
CA TYR A 3 -10.59 -0.17 -42.79
C TYR A 3 -11.27 0.59 -41.65
N LEU A 4 -10.64 0.53 -40.48
CA LEU A 4 -11.13 1.17 -39.27
C LEU A 4 -10.13 2.21 -38.81
N GLN A 5 -10.62 3.39 -38.44
CA GLN A 5 -9.77 4.49 -37.99
C GLN A 5 -10.22 4.98 -36.63
N ILE A 6 -9.32 5.68 -35.95
CA ILE A 6 -9.58 6.29 -34.65
C ILE A 6 -9.88 7.77 -34.89
N LEU A 7 -11.15 8.15 -34.77
CA LEU A 7 -11.54 9.55 -34.95
C LEU A 7 -11.06 10.40 -33.77
N GLU A 8 -11.46 10.03 -32.55
CA GLU A 8 -11.02 10.72 -31.36
C GLU A 8 -10.32 9.75 -30.43
N GLN A 9 -9.04 10.00 -30.18
CA GLN A 9 -8.26 9.19 -29.25
C GLN A 9 -8.79 9.35 -27.83
N PRO A 10 -8.52 8.38 -26.96
CA PRO A 10 -8.84 8.58 -25.54
C PRO A 10 -7.85 9.52 -24.89
N LYS A 11 -8.33 10.24 -23.88
CA LYS A 11 -7.46 11.17 -23.16
C LYS A 11 -6.37 10.40 -22.44
N GLN A 12 -5.11 10.79 -22.67
CA GLN A 12 -3.99 10.05 -22.10
C GLN A 12 -3.92 10.17 -20.58
N ARG A 13 -4.27 11.34 -20.05
CA ARG A 13 -4.02 11.63 -18.64
C ARG A 13 -5.28 12.17 -17.98
N GLY A 14 -5.30 12.13 -16.65
CA GLY A 14 -6.39 12.69 -15.88
C GLY A 14 -7.50 11.73 -15.56
N PHE A 15 -7.39 10.46 -15.97
CA PHE A 15 -8.40 9.46 -15.65
C PHE A 15 -7.79 8.40 -14.74
N ARG A 16 -8.59 7.95 -13.77
CA ARG A 16 -8.12 7.08 -12.71
C ARG A 16 -8.65 5.67 -12.93
N PHE A 17 -7.78 4.68 -12.79
CA PHE A 17 -8.19 3.28 -12.83
C PHE A 17 -8.81 2.90 -11.49
N ARG A 18 -9.83 2.04 -11.54
CA ARG A 18 -10.56 1.65 -10.34
C ARG A 18 -10.43 0.17 -10.10
N TYR A 19 -10.29 -0.22 -8.83
CA TYR A 19 -10.25 -1.62 -8.47
C TYR A 19 -11.66 -2.16 -8.32
N VAL A 20 -11.77 -3.49 -8.26
CA VAL A 20 -13.06 -4.12 -8.03
C VAL A 20 -13.68 -3.61 -6.73
N CYS A 21 -12.85 -3.37 -5.72
CA CYS A 21 -13.35 -2.88 -4.44
C CYS A 21 -13.82 -1.43 -4.53
N GLU A 22 -13.33 -0.67 -5.50
CA GLU A 22 -13.76 0.71 -5.64
C GLU A 22 -15.12 0.84 -6.32
N GLY A 23 -15.67 -0.26 -6.83
CA GLY A 23 -16.93 -0.25 -7.52
C GLY A 23 -16.88 0.52 -8.83
N PRO A 24 -18.04 0.71 -9.46
CA PRO A 24 -18.11 1.55 -10.66
C PRO A 24 -18.48 2.98 -10.31
N SER A 25 -19.15 3.67 -11.24
CA SER A 25 -19.78 4.97 -10.98
C SER A 25 -18.76 6.05 -10.64
N HIS A 26 -17.53 5.92 -11.13
CA HIS A 26 -16.51 6.94 -10.92
C HIS A 26 -16.23 7.74 -12.19
N GLY A 27 -17.12 7.67 -13.17
CA GLY A 27 -16.98 8.45 -14.38
C GLY A 27 -16.49 7.60 -15.54
N GLY A 28 -16.78 8.08 -16.74
CA GLY A 28 -16.39 7.40 -17.97
C GLY A 28 -15.10 7.95 -18.54
N LEU A 29 -14.39 7.08 -19.25
CA LEU A 29 -13.12 7.44 -19.88
C LEU A 29 -13.33 8.55 -20.90
N PRO A 30 -12.74 9.72 -20.71
CA PRO A 30 -13.00 10.86 -21.59
C PRO A 30 -12.15 10.83 -22.85
N GLY A 31 -12.65 11.53 -23.88
CA GLY A 31 -11.91 11.66 -25.11
C GLY A 31 -10.79 12.68 -25.02
N ALA A 32 -9.90 12.63 -26.02
CA ALA A 32 -8.71 13.48 -26.01
C ALA A 32 -9.05 14.96 -26.03
N SER A 33 -10.24 15.34 -26.49
CA SER A 33 -10.63 16.73 -26.61
C SER A 33 -11.84 17.06 -25.74
N SER A 34 -12.03 16.31 -24.65
CA SER A 34 -13.17 16.52 -23.78
C SER A 34 -12.92 17.70 -22.85
N GLU A 35 -14.01 18.38 -22.49
CA GLU A 35 -13.96 19.51 -21.56
C GLU A 35 -15.14 19.42 -20.61
N LYS A 36 -15.08 20.22 -19.55
CA LYS A 36 -16.16 20.20 -18.55
C LYS A 36 -17.48 20.65 -19.16
N ASN A 37 -17.45 21.70 -19.98
CA ASN A 37 -18.67 22.21 -20.60
C ASN A 37 -19.15 21.31 -21.74
N LYS A 38 -18.22 20.79 -22.55
CA LYS A 38 -18.53 19.98 -23.72
C LYS A 38 -17.81 18.65 -23.59
N LYS A 39 -18.50 17.65 -23.03
CA LYS A 39 -17.89 16.34 -22.83
C LYS A 39 -17.69 15.62 -24.16
N SER A 40 -16.64 14.82 -24.21
CA SER A 40 -16.29 14.07 -25.41
C SER A 40 -15.71 12.72 -25.01
N TYR A 41 -15.90 11.74 -25.88
CA TYR A 41 -15.54 10.35 -25.60
C TYR A 41 -14.80 9.77 -26.78
N PRO A 42 -13.96 8.75 -26.56
CA PRO A 42 -13.24 8.12 -27.66
C PRO A 42 -14.19 7.66 -28.75
N GLN A 43 -13.75 7.84 -30.01
CA GLN A 43 -14.60 7.52 -31.15
C GLN A 43 -13.77 6.91 -32.27
N VAL A 44 -14.31 5.86 -32.88
CA VAL A 44 -13.75 5.28 -34.08
C VAL A 44 -14.72 5.53 -35.23
N LYS A 45 -14.25 5.28 -36.44
CA LYS A 45 -15.10 5.37 -37.62
C LYS A 45 -14.77 4.23 -38.58
N ILE A 46 -15.80 3.62 -39.16
CA ILE A 46 -15.65 2.62 -40.19
C ILE A 46 -15.51 3.34 -41.53
N CYS A 47 -14.40 3.13 -42.21
CA CYS A 47 -14.13 3.81 -43.47
C CYS A 47 -14.22 2.83 -44.63
N ASN A 48 -14.58 3.35 -45.81
CA ASN A 48 -14.75 2.56 -47.03
C ASN A 48 -15.77 1.45 -46.85
N TYR A 49 -16.77 1.68 -46.00
CA TYR A 49 -17.88 0.76 -45.79
C TYR A 49 -18.97 1.50 -45.03
N VAL A 50 -20.23 1.21 -45.39
CA VAL A 50 -21.40 1.68 -44.67
C VAL A 50 -22.32 0.50 -44.41
N GLY A 51 -23.21 0.67 -43.45
CA GLY A 51 -24.11 -0.39 -43.06
C GLY A 51 -23.76 -0.98 -41.71
N PRO A 52 -24.50 -2.01 -41.31
CA PRO A 52 -24.28 -2.60 -39.97
C PRO A 52 -22.95 -3.30 -39.85
N ALA A 53 -22.35 -3.16 -38.67
CA ALA A 53 -21.11 -3.84 -38.31
C ALA A 53 -20.96 -3.78 -36.80
N LYS A 54 -19.93 -4.45 -36.29
CA LYS A 54 -19.67 -4.46 -34.85
C LYS A 54 -18.19 -4.15 -34.60
N VAL A 55 -17.93 -3.49 -33.47
CA VAL A 55 -16.58 -3.09 -33.08
C VAL A 55 -16.35 -3.55 -31.64
N ILE A 56 -15.23 -4.24 -31.41
CA ILE A 56 -14.87 -4.71 -30.08
C ILE A 56 -13.68 -3.91 -29.59
N VAL A 57 -13.71 -3.52 -28.31
CA VAL A 57 -12.63 -2.81 -27.67
C VAL A 57 -12.04 -3.71 -26.60
N GLN A 58 -10.72 -3.66 -26.43
CA GLN A 58 -10.08 -4.43 -25.38
C GLN A 58 -8.74 -3.78 -25.04
N LEU A 59 -8.37 -3.89 -23.76
CA LEU A 59 -7.14 -3.29 -23.28
C LEU A 59 -5.95 -4.14 -23.70
N VAL A 60 -4.90 -3.48 -24.20
CA VAL A 60 -3.67 -4.15 -24.58
C VAL A 60 -2.51 -3.47 -23.85
N THR A 61 -1.35 -4.10 -23.94
CA THR A 61 -0.17 -3.57 -23.27
C THR A 61 0.39 -2.38 -24.04
N ASN A 62 1.52 -1.87 -23.58
CA ASN A 62 2.07 -0.63 -24.10
C ASN A 62 3.41 -0.80 -24.79
N GLY A 63 4.09 -1.92 -24.62
CA GLY A 63 5.40 -2.13 -25.22
C GLY A 63 5.34 -2.35 -26.71
N LYS A 64 6.47 -2.79 -27.26
CA LYS A 64 6.56 -3.05 -28.69
C LYS A 64 5.71 -4.24 -29.08
N ASN A 65 5.76 -5.33 -28.31
CA ASN A 65 4.93 -6.50 -28.55
C ASN A 65 3.56 -6.25 -27.95
N ILE A 66 2.56 -5.99 -28.81
CA ILE A 66 1.22 -5.69 -28.33
C ILE A 66 0.59 -7.00 -27.83
N HIS A 67 0.38 -7.08 -26.53
CA HIS A 67 -0.18 -8.25 -25.87
C HIS A 67 -1.43 -7.87 -25.09
N LEU A 68 -2.19 -8.88 -24.67
CA LEU A 68 -3.37 -8.65 -23.86
C LEU A 68 -2.98 -8.11 -22.49
N HIS A 69 -3.87 -7.31 -21.92
CA HIS A 69 -3.65 -6.70 -20.62
C HIS A 69 -4.55 -7.34 -19.58
N ALA A 70 -4.05 -7.40 -18.34
CA ALA A 70 -4.82 -8.01 -17.26
C ALA A 70 -5.98 -7.15 -16.79
N HIS A 71 -5.94 -5.84 -17.04
CA HIS A 71 -7.08 -5.00 -16.67
C HIS A 71 -8.25 -5.28 -17.59
N SER A 72 -9.37 -4.64 -17.30
CA SER A 72 -10.63 -4.95 -17.96
C SER A 72 -11.39 -3.67 -18.23
N LEU A 73 -12.22 -3.71 -19.27
CA LEU A 73 -13.17 -2.65 -19.55
C LEU A 73 -14.49 -2.98 -18.89
N VAL A 74 -15.07 -2.01 -18.20
CA VAL A 74 -16.31 -2.21 -17.46
C VAL A 74 -17.25 -1.05 -17.75
N GLY A 75 -18.56 -1.32 -17.69
CA GLY A 75 -19.59 -0.36 -17.95
C GLY A 75 -20.60 -0.92 -18.94
N LYS A 76 -21.31 -0.02 -19.61
CA LYS A 76 -22.31 -0.43 -20.60
C LYS A 76 -21.63 -1.13 -21.77
N HIS A 77 -22.30 -2.16 -22.30
CA HIS A 77 -21.81 -2.96 -23.41
C HIS A 77 -20.49 -3.65 -23.09
N CYS A 78 -20.19 -3.86 -21.80
CA CYS A 78 -18.95 -4.50 -21.38
C CYS A 78 -19.25 -5.80 -20.65
N GLU A 79 -18.55 -6.86 -21.04
CA GLU A 79 -18.64 -8.15 -20.37
C GLU A 79 -17.30 -8.85 -20.52
N ASP A 80 -16.79 -9.38 -19.40
CA ASP A 80 -15.50 -10.08 -19.36
C ASP A 80 -14.35 -9.19 -19.85
N GLY A 81 -14.45 -7.89 -19.60
CA GLY A 81 -13.41 -6.96 -19.94
C GLY A 81 -13.36 -6.54 -21.40
N VAL A 82 -14.29 -7.00 -22.23
CA VAL A 82 -14.31 -6.66 -23.65
C VAL A 82 -15.59 -5.87 -23.92
N CYS A 83 -15.43 -4.70 -24.53
CA CYS A 83 -16.55 -3.83 -24.88
C CYS A 83 -16.93 -4.07 -26.34
N THR A 84 -18.20 -4.40 -26.57
CA THR A 84 -18.70 -4.67 -27.91
C THR A 84 -19.86 -3.73 -28.21
N VAL A 85 -19.75 -3.01 -29.31
CA VAL A 85 -20.79 -2.08 -29.76
C VAL A 85 -21.09 -2.39 -31.22
N THR A 86 -22.37 -2.30 -31.58
CA THR A 86 -22.81 -2.51 -32.95
C THR A 86 -22.81 -1.18 -33.69
N ALA A 87 -22.08 -1.11 -34.80
CA ALA A 87 -22.06 0.10 -35.61
C ALA A 87 -23.38 0.27 -36.34
N GLY A 88 -23.91 1.50 -36.32
CA GLY A 88 -25.21 1.79 -36.88
C GLY A 88 -25.31 1.47 -38.35
N PRO A 89 -26.52 1.46 -38.88
CA PRO A 89 -26.70 1.19 -40.31
C PRO A 89 -26.31 2.39 -41.16
N LYS A 90 -26.61 3.60 -40.67
CA LYS A 90 -26.31 4.83 -41.38
C LYS A 90 -25.03 5.49 -40.87
N ASP A 91 -24.95 5.77 -39.58
CA ASP A 91 -23.80 6.43 -38.99
C ASP A 91 -22.69 5.42 -38.72
N MET A 92 -21.52 5.66 -39.31
CA MET A 92 -20.37 4.78 -39.12
C MET A 92 -19.46 5.19 -37.97
N VAL A 93 -19.73 6.34 -37.33
CA VAL A 93 -18.92 6.78 -36.20
C VAL A 93 -19.43 6.09 -34.93
N VAL A 94 -18.55 5.36 -34.28
CA VAL A 94 -18.87 4.62 -33.06
C VAL A 94 -18.24 5.35 -31.88
N GLY A 95 -19.07 5.87 -30.98
CA GLY A 95 -18.59 6.45 -29.75
C GLY A 95 -18.58 5.46 -28.61
N PHE A 96 -17.75 5.73 -27.61
CA PHE A 96 -17.60 4.86 -26.45
C PHE A 96 -17.67 5.70 -25.17
N ALA A 97 -18.90 6.07 -24.80
CA ALA A 97 -19.12 6.80 -23.56
C ALA A 97 -19.29 5.81 -22.41
N ASN A 98 -19.17 6.33 -21.19
CA ASN A 98 -19.37 5.54 -19.97
C ASN A 98 -18.47 4.30 -19.95
N LEU A 99 -17.25 4.46 -20.46
CA LEU A 99 -16.25 3.40 -20.40
C LEU A 99 -15.50 3.45 -19.08
N GLY A 100 -15.14 2.28 -18.59
CA GLY A 100 -14.42 2.18 -17.33
C GLY A 100 -13.31 1.16 -17.43
N ILE A 101 -12.22 1.44 -16.71
CA ILE A 101 -11.04 0.57 -16.71
C ILE A 101 -10.92 -0.03 -15.32
N LEU A 102 -11.05 -1.35 -15.24
CA LEU A 102 -10.99 -2.06 -13.98
C LEU A 102 -9.54 -2.44 -13.71
N HIS A 103 -8.98 -1.88 -12.64
CA HIS A 103 -7.60 -2.14 -12.25
C HIS A 103 -7.55 -3.46 -11.50
N VAL A 104 -7.02 -4.50 -12.12
CA VAL A 104 -6.87 -5.79 -11.45
C VAL A 104 -5.62 -5.75 -10.59
N THR A 105 -5.67 -6.44 -9.45
CA THR A 105 -4.54 -6.43 -8.53
C THR A 105 -3.37 -7.25 -9.10
N LYS A 106 -2.18 -6.96 -8.58
CA LYS A 106 -0.98 -7.63 -9.04
C LYS A 106 -1.11 -9.14 -8.93
N LYS A 107 -1.65 -9.63 -7.82
CA LYS A 107 -1.82 -11.07 -7.63
C LYS A 107 -2.69 -11.67 -8.73
N LYS A 108 -3.82 -11.04 -9.03
CA LYS A 108 -4.79 -11.59 -9.95
C LYS A 108 -4.41 -11.41 -11.42
N VAL A 109 -3.23 -10.86 -11.72
CA VAL A 109 -2.86 -10.59 -13.11
C VAL A 109 -2.75 -11.89 -13.89
N PHE A 110 -1.97 -12.84 -13.38
CA PHE A 110 -1.67 -14.05 -14.15
C PHE A 110 -2.93 -14.86 -14.45
N GLU A 111 -3.74 -15.12 -13.42
CA GLU A 111 -4.98 -15.88 -13.64
C GLU A 111 -5.94 -15.11 -14.53
N THR A 112 -6.00 -13.78 -14.40
CA THR A 112 -6.80 -12.98 -15.32
C THR A 112 -6.22 -13.04 -16.73
N LEU A 113 -4.89 -12.96 -16.84
CA LEU A 113 -4.26 -12.94 -18.16
C LEU A 113 -4.43 -14.29 -18.85
N GLU A 114 -4.17 -15.39 -18.14
CA GLU A 114 -4.35 -16.71 -18.73
C GLU A 114 -5.80 -16.98 -19.11
N ALA A 115 -6.75 -16.36 -18.39
CA ALA A 115 -8.15 -16.50 -18.76
C ALA A 115 -8.44 -15.79 -20.07
N ARG A 116 -7.95 -14.56 -20.23
CA ARG A 116 -8.19 -13.80 -21.45
C ARG A 116 -7.65 -14.53 -22.68
N MET A 117 -6.48 -15.16 -22.55
CA MET A 117 -5.90 -15.87 -23.68
C MET A 117 -6.77 -17.06 -24.09
N THR A 118 -7.18 -17.88 -23.12
CA THR A 118 -8.06 -19.00 -23.42
C THR A 118 -9.41 -18.53 -23.95
N GLU A 119 -9.83 -17.32 -23.59
CA GLU A 119 -11.05 -16.76 -24.16
C GLU A 119 -10.83 -16.33 -25.61
N ALA A 120 -9.69 -15.71 -25.90
CA ALA A 120 -9.41 -15.25 -27.26
C ALA A 120 -9.08 -16.42 -28.19
N CYS A 121 -8.53 -17.50 -27.66
CA CYS A 121 -8.26 -18.69 -28.47
C CYS A 121 -9.54 -19.44 -28.86
N ILE A 122 -10.67 -19.10 -28.25
CA ILE A 122 -11.94 -19.72 -28.56
C ILE A 122 -12.90 -18.73 -29.21
N ARG A 123 -12.98 -17.51 -28.67
CA ARG A 123 -13.84 -16.48 -29.27
C ARG A 123 -13.26 -15.95 -30.57
N GLY A 124 -11.93 -15.87 -30.69
CA GLY A 124 -11.30 -15.36 -31.88
C GLY A 124 -11.00 -13.88 -31.86
N TYR A 125 -10.72 -13.32 -30.68
CA TYR A 125 -10.40 -11.90 -30.52
C TYR A 125 -8.93 -11.67 -30.82
N ASN A 126 -8.56 -11.92 -32.08
CA ASN A 126 -7.18 -11.80 -32.57
C ASN A 126 -6.27 -12.74 -31.78
N PRO A 127 -6.36 -14.05 -32.02
CA PRO A 127 -5.60 -15.00 -31.19
C PRO A 127 -4.10 -14.88 -31.36
N GLY A 128 -3.63 -14.92 -32.61
CA GLY A 128 -2.19 -14.98 -32.84
C GLY A 128 -1.48 -13.68 -32.51
N LEU A 129 -2.08 -12.54 -32.86
CA LEU A 129 -1.40 -11.26 -32.69
C LEU A 129 -1.30 -10.81 -31.24
N LEU A 130 -1.97 -11.48 -30.31
CA LEU A 130 -1.96 -11.09 -28.90
C LEU A 130 -1.40 -12.18 -28.00
N VAL A 131 -1.96 -13.39 -28.07
CA VAL A 131 -1.52 -14.49 -27.21
C VAL A 131 -0.09 -14.88 -27.59
N HIS A 132 0.06 -15.54 -28.74
CA HIS A 132 1.36 -15.96 -29.21
C HIS A 132 1.26 -16.29 -30.69
N SER A 133 2.36 -16.06 -31.40
CA SER A 133 2.42 -16.38 -32.83
C SER A 133 2.64 -17.86 -33.10
N ASP A 134 2.58 -18.70 -32.06
CA ASP A 134 2.79 -20.14 -32.25
C ASP A 134 1.48 -20.89 -32.43
N LEU A 135 0.40 -20.41 -31.81
CA LEU A 135 -0.89 -21.04 -32.00
C LEU A 135 -1.24 -21.03 -33.49
N ALA A 136 -1.62 -22.19 -34.01
CA ALA A 136 -1.86 -22.33 -35.44
C ALA A 136 -3.29 -21.94 -35.81
N TYR A 137 -4.28 -22.49 -35.12
CA TYR A 137 -5.68 -22.28 -35.49
C TYR A 137 -6.13 -20.87 -35.08
N LEU A 138 -5.54 -19.88 -35.73
CA LEU A 138 -6.10 -18.54 -35.65
C LEU A 138 -7.48 -18.47 -36.29
N GLN A 139 -7.89 -19.52 -36.99
CA GLN A 139 -9.23 -19.58 -37.58
C GLN A 139 -10.28 -19.41 -36.50
N ALA A 140 -11.23 -18.52 -36.75
CA ALA A 140 -12.26 -18.19 -35.77
C ALA A 140 -13.65 -18.36 -36.34
N GLU A 141 -14.30 -17.24 -36.70
CA GLU A 141 -15.69 -17.18 -37.17
C GLU A 141 -16.66 -17.61 -36.08
N GLY A 142 -16.14 -18.14 -34.98
CA GLY A 142 -16.96 -18.67 -33.90
C GLY A 142 -16.68 -20.13 -33.63
N GLY A 143 -17.29 -21.02 -34.42
CA GLY A 143 -17.15 -22.44 -34.21
C GLY A 143 -17.77 -22.95 -32.94
N GLY A 144 -18.65 -22.16 -32.31
CA GLY A 144 -19.25 -22.55 -31.04
C GLY A 144 -18.30 -22.36 -29.88
N ASP A 145 -18.43 -23.24 -28.88
CA ASP A 145 -17.51 -23.26 -27.76
C ASP A 145 -16.11 -23.75 -28.14
N ARG A 146 -15.92 -24.20 -29.38
CA ARG A 146 -14.65 -24.74 -29.87
C ARG A 146 -14.12 -25.86 -28.98
N GLN A 147 -12.81 -26.07 -28.98
CA GLN A 147 -12.24 -27.19 -28.26
C GLN A 147 -10.90 -26.78 -27.69
N LEU A 148 -10.35 -27.66 -26.84
CA LEU A 148 -9.09 -27.44 -26.16
C LEU A 148 -8.20 -28.65 -26.33
N THR A 149 -6.90 -28.41 -26.47
CA THR A 149 -5.89 -29.45 -26.57
C THR A 149 -4.83 -29.23 -25.50
N ASP A 150 -4.25 -30.33 -25.02
CA ASP A 150 -3.25 -30.27 -23.95
C ASP A 150 -1.91 -29.68 -24.40
N ARG A 151 -1.79 -29.26 -25.66
CA ARG A 151 -0.67 -28.46 -26.13
C ARG A 151 -0.97 -26.97 -26.05
N GLU A 152 -2.21 -26.61 -26.41
CA GLU A 152 -2.65 -25.23 -26.22
C GLU A 152 -2.62 -24.81 -24.76
N LYS A 153 -2.87 -25.74 -23.84
CA LYS A 153 -2.75 -25.43 -22.42
C LYS A 153 -1.35 -24.93 -22.09
N GLU A 154 -0.33 -25.68 -22.53
CA GLU A 154 1.05 -25.28 -22.29
C GLU A 154 1.38 -23.94 -22.95
N ILE A 155 0.92 -23.75 -24.20
CA ILE A 155 1.21 -22.50 -24.90
C ILE A 155 0.60 -21.32 -24.16
N ILE A 156 -0.67 -21.43 -23.78
CA ILE A 156 -1.35 -20.35 -23.07
C ILE A 156 -0.68 -20.08 -21.74
N ARG A 157 -0.32 -21.13 -21.00
CA ARG A 157 0.28 -20.93 -19.69
C ARG A 157 1.63 -20.23 -19.80
N GLN A 158 2.45 -20.63 -20.77
CA GLN A 158 3.76 -19.99 -20.90
C GLN A 158 3.62 -18.55 -21.37
N ALA A 159 2.70 -18.29 -22.31
CA ALA A 159 2.47 -16.92 -22.74
C ALA A 159 2.02 -16.04 -21.58
N ALA A 160 1.14 -16.56 -20.73
CA ALA A 160 0.65 -15.79 -19.59
C ALA A 160 1.77 -15.52 -18.58
N VAL A 161 2.54 -16.55 -18.23
CA VAL A 161 3.58 -16.33 -17.23
C VAL A 161 4.66 -15.40 -17.76
N GLN A 162 4.86 -15.36 -19.09
CA GLN A 162 5.83 -14.43 -19.63
C GLN A 162 5.29 -13.01 -19.66
N GLN A 163 4.08 -12.83 -20.22
CA GLN A 163 3.51 -11.49 -20.32
C GLN A 163 3.11 -10.91 -18.97
N THR A 164 3.03 -11.73 -17.92
CA THR A 164 2.74 -11.20 -16.59
C THR A 164 3.89 -10.32 -16.10
N LYS A 165 5.12 -10.80 -16.20
CA LYS A 165 6.26 -10.02 -15.72
C LYS A 165 6.55 -8.83 -16.63
N GLU A 166 6.05 -8.85 -17.86
CA GLU A 166 6.28 -7.79 -18.82
C GLU A 166 5.12 -6.80 -18.88
N MET A 167 4.24 -6.80 -17.88
CA MET A 167 3.02 -6.01 -17.92
C MET A 167 3.11 -4.87 -16.91
N ASP A 168 2.83 -3.66 -17.39
CA ASP A 168 2.75 -2.47 -16.55
C ASP A 168 1.28 -2.20 -16.26
N LEU A 169 0.91 -2.20 -14.99
CA LEU A 169 -0.48 -2.00 -14.58
C LEU A 169 -0.86 -0.53 -14.54
N SER A 170 0.07 0.38 -14.79
CA SER A 170 -0.19 1.81 -14.71
C SER A 170 -0.55 2.43 -16.06
N VAL A 171 -0.36 1.71 -17.15
CA VAL A 171 -0.62 2.24 -18.49
C VAL A 171 -1.25 1.13 -19.33
N VAL A 172 -2.36 1.47 -20.00
CA VAL A 172 -3.04 0.56 -20.91
C VAL A 172 -3.31 1.30 -22.21
N ARG A 173 -3.66 0.53 -23.23
CA ARG A 173 -4.03 1.05 -24.54
C ARG A 173 -5.29 0.34 -25.03
N LEU A 174 -6.21 1.11 -25.59
CA LEU A 174 -7.39 0.54 -26.22
C LEU A 174 -7.02 -0.05 -27.57
N MET A 175 -7.63 -1.17 -27.91
CA MET A 175 -7.51 -1.76 -29.25
C MET A 175 -8.90 -1.98 -29.81
N PHE A 176 -9.15 -1.42 -30.99
CA PHE A 176 -10.45 -1.50 -31.64
C PHE A 176 -10.33 -2.42 -32.85
N THR A 177 -11.06 -3.54 -32.81
CA THR A 177 -11.18 -4.43 -33.96
C THR A 177 -12.60 -4.37 -34.47
N ALA A 178 -12.76 -4.09 -35.76
CA ALA A 178 -14.07 -3.99 -36.39
C ALA A 178 -14.37 -5.27 -37.16
N PHE A 179 -15.63 -5.70 -37.12
CA PHE A 179 -16.09 -6.90 -37.83
C PHE A 179 -17.28 -6.52 -38.69
N LEU A 180 -17.18 -6.80 -39.98
CA LEU A 180 -18.21 -6.53 -40.97
C LEU A 180 -19.00 -7.80 -41.28
N PRO A 181 -20.21 -7.66 -41.84
CA PRO A 181 -21.01 -8.86 -42.16
C PRO A 181 -20.32 -9.77 -43.17
N ASP A 182 -20.65 -11.05 -43.09
CA ASP A 182 -20.11 -12.09 -43.96
C ASP A 182 -21.22 -12.60 -44.88
N SER A 183 -20.93 -13.71 -45.58
CA SER A 183 -21.92 -14.40 -46.41
C SER A 183 -22.91 -15.07 -45.47
N THR A 184 -23.87 -14.28 -45.00
CA THR A 184 -24.82 -14.69 -43.95
C THR A 184 -24.10 -15.23 -42.71
N GLY A 185 -22.85 -14.82 -42.51
CA GLY A 185 -22.09 -15.21 -41.34
C GLY A 185 -22.18 -14.16 -40.26
N SER A 186 -23.28 -13.42 -40.28
CA SER A 186 -23.57 -12.36 -39.31
C SER A 186 -22.47 -11.31 -39.32
N PHE A 187 -21.38 -11.55 -38.58
CA PHE A 187 -20.27 -10.60 -38.49
C PHE A 187 -18.99 -11.38 -38.24
N THR A 188 -18.15 -11.50 -39.28
CA THR A 188 -16.83 -12.10 -39.05
C THR A 188 -15.76 -11.61 -40.03
N ARG A 189 -15.96 -10.47 -40.69
CA ARG A 189 -14.94 -9.90 -41.56
C ARG A 189 -14.00 -9.07 -40.70
N ARG A 190 -12.87 -9.65 -40.33
CA ARG A 190 -11.95 -9.03 -39.36
C ARG A 190 -11.13 -7.94 -40.05
N LEU A 191 -11.44 -6.68 -39.73
CA LEU A 191 -10.59 -5.58 -40.14
C LEU A 191 -9.38 -5.50 -39.21
N GLU A 192 -8.28 -4.96 -39.72
CA GLU A 192 -7.06 -4.88 -38.94
C GLU A 192 -7.28 -3.96 -37.74
N PRO A 193 -6.90 -4.39 -36.53
CA PRO A 193 -7.16 -3.57 -35.34
C PRO A 193 -6.30 -2.31 -35.35
N VAL A 194 -6.72 -1.34 -34.53
CA VAL A 194 -6.05 -0.06 -34.40
C VAL A 194 -5.82 0.21 -32.92
N VAL A 195 -4.55 0.21 -32.50
CA VAL A 195 -4.18 0.52 -31.13
C VAL A 195 -4.19 2.03 -30.92
N SER A 196 -4.75 2.46 -29.79
CA SER A 196 -4.86 3.87 -29.49
C SER A 196 -3.62 4.37 -28.74
N ASP A 197 -3.63 5.65 -28.37
CA ASP A 197 -2.56 6.21 -27.57
C ASP A 197 -2.58 5.60 -26.17
N ALA A 198 -1.41 5.57 -25.55
CA ALA A 198 -1.29 4.99 -24.22
C ALA A 198 -2.09 5.81 -23.22
N ILE A 199 -2.91 5.11 -22.42
CA ILE A 199 -3.69 5.72 -21.36
C ILE A 199 -2.95 5.51 -20.05
N TYR A 200 -2.80 6.57 -19.27
CA TYR A 200 -2.00 6.53 -18.05
C TYR A 200 -2.90 6.69 -16.84
N ASP A 201 -2.74 5.79 -15.88
CA ASP A 201 -3.53 5.80 -14.65
C ASP A 201 -3.21 7.04 -13.82
N SER A 202 -4.26 7.74 -13.38
CA SER A 202 -4.09 8.92 -12.55
C SER A 202 -3.50 8.58 -11.18
N LYS A 203 -3.77 7.37 -10.68
CA LYS A 203 -3.29 6.99 -9.35
C LYS A 203 -1.79 6.70 -9.32
N ALA A 204 -1.15 6.52 -10.47
CA ALA A 204 0.26 6.21 -10.50
C ALA A 204 1.08 7.40 -10.00
N PRO A 205 2.16 7.16 -9.24
CA PRO A 205 2.92 8.30 -8.71
C PRO A 205 3.49 9.22 -9.78
N ASN A 206 4.02 8.67 -10.88
CA ASN A 206 4.57 9.51 -11.96
C ASN A 206 3.52 10.06 -12.91
N ALA A 207 2.24 10.01 -12.55
CA ALA A 207 1.20 10.59 -13.38
C ALA A 207 0.13 11.33 -12.60
N SER A 208 0.21 11.34 -11.26
CA SER A 208 -0.83 11.98 -10.47
C SER A 208 -0.81 13.49 -10.68
N ASN A 209 -1.89 14.14 -10.24
CA ASN A 209 -2.04 15.58 -10.39
C ASN A 209 -1.10 16.30 -9.43
N LEU A 210 -0.16 17.06 -9.96
CA LEU A 210 0.72 17.86 -9.12
C LEU A 210 -0.02 19.06 -8.56
N LYS A 211 0.33 19.43 -7.33
CA LYS A 211 -0.35 20.52 -6.65
C LYS A 211 0.51 20.98 -5.49
N ILE A 212 0.51 22.28 -5.23
CA ILE A 212 1.23 22.88 -4.13
C ILE A 212 0.19 23.23 -3.07
N VAL A 213 0.10 22.39 -2.04
CA VAL A 213 -0.93 22.60 -1.02
C VAL A 213 -0.68 23.90 -0.27
N ARG A 214 0.55 24.10 0.19
CA ARG A 214 0.87 25.38 0.83
C ARG A 214 2.38 25.56 0.85
N MET A 215 2.80 26.77 1.24
CA MET A 215 4.21 27.12 1.27
C MET A 215 4.53 27.89 2.53
N ASP A 216 5.76 27.69 3.01
CA ASP A 216 6.25 28.35 4.21
C ASP A 216 6.28 29.86 4.03
N ARG A 217 6.83 30.32 2.92
CA ARG A 217 7.02 31.74 2.65
C ARG A 217 6.61 32.04 1.23
N THR A 218 5.92 33.16 1.03
CA THR A 218 5.47 33.58 -0.30
C THR A 218 6.23 34.80 -0.82
N ALA A 219 7.30 35.20 -0.15
CA ALA A 219 8.08 36.37 -0.54
C ALA A 219 9.51 36.19 -0.09
N GLY A 220 10.46 36.51 -0.97
CA GLY A 220 11.86 36.33 -0.66
C GLY A 220 12.73 37.31 -1.43
N CYS A 221 13.97 37.45 -0.98
CA CYS A 221 14.88 38.40 -1.60
C CYS A 221 15.34 37.89 -2.96
N VAL A 222 15.80 38.83 -3.78
CA VAL A 222 16.29 38.50 -5.12
C VAL A 222 17.60 37.73 -5.06
N THR A 223 18.38 37.87 -3.98
CA THR A 223 19.64 37.17 -3.88
C THR A 223 19.48 35.66 -3.79
N GLY A 224 18.28 35.17 -3.47
CA GLY A 224 18.04 33.74 -3.40
C GLY A 224 18.62 33.11 -2.16
N GLY A 225 18.59 31.78 -2.14
CA GLY A 225 19.10 31.02 -1.01
C GLY A 225 18.23 31.07 0.23
N GLU A 226 16.93 31.31 0.07
CA GLU A 226 16.00 31.35 1.19
C GLU A 226 15.36 29.98 1.36
N GLU A 227 15.41 29.44 2.58
CA GLU A 227 14.86 28.13 2.87
C GLU A 227 13.34 28.21 3.00
N ILE A 228 12.65 27.36 2.26
CA ILE A 228 11.19 27.32 2.25
C ILE A 228 10.72 25.87 2.35
N TYR A 229 9.69 25.65 3.16
CA TYR A 229 9.02 24.37 3.28
C TYR A 229 7.75 24.41 2.43
N LEU A 230 7.63 23.46 1.50
CA LEU A 230 6.49 23.40 0.59
C LEU A 230 5.75 22.09 0.80
N LEU A 231 4.47 22.18 1.14
CA LEU A 231 3.61 21.01 1.26
C LEU A 231 2.85 20.80 -0.05
N CYS A 232 2.92 19.58 -0.57
CA CYS A 232 2.44 19.25 -1.90
C CYS A 232 1.75 17.89 -1.88
N ASP A 233 1.10 17.57 -3.00
CA ASP A 233 0.58 16.23 -3.22
C ASP A 233 1.75 15.28 -3.49
N LYS A 234 1.41 14.03 -3.79
CA LYS A 234 2.44 13.00 -3.93
C LYS A 234 3.36 13.34 -5.09
N VAL A 235 4.66 13.42 -4.80
CA VAL A 235 5.70 13.60 -5.80
C VAL A 235 6.74 12.51 -5.59
N GLN A 236 7.65 12.39 -6.56
CA GLN A 236 8.75 11.43 -6.50
C GLN A 236 10.06 12.18 -6.40
N LYS A 237 10.84 11.85 -5.36
CA LYS A 237 12.03 12.63 -5.02
C LYS A 237 12.99 12.77 -6.20
N ASP A 238 13.11 11.74 -7.03
CA ASP A 238 14.05 11.75 -8.14
C ASP A 238 13.47 12.36 -9.41
N ASP A 239 12.20 12.77 -9.38
CA ASP A 239 11.50 13.18 -10.58
C ASP A 239 10.87 14.56 -10.49
N ILE A 240 10.85 15.18 -9.31
CA ILE A 240 10.16 16.45 -9.10
C ILE A 240 11.17 17.59 -9.12
N GLN A 241 10.70 18.78 -9.49
CA GLN A 241 11.50 19.97 -9.39
C GLN A 241 10.57 21.16 -9.17
N ILE A 242 11.13 22.22 -8.57
CA ILE A 242 10.36 23.40 -8.21
C ILE A 242 10.83 24.54 -9.11
N ARG A 243 9.90 25.11 -9.87
CA ARG A 243 10.22 26.12 -10.87
C ARG A 243 9.49 27.41 -10.55
N PHE A 244 10.26 28.47 -10.32
CA PHE A 244 9.75 29.83 -10.36
C PHE A 244 9.86 30.36 -11.77
N TYR A 245 8.90 31.17 -12.17
CA TYR A 245 8.93 31.71 -13.52
C TYR A 245 8.06 32.95 -13.60
N GLU A 246 8.39 33.81 -14.56
CA GLU A 246 7.54 34.95 -14.89
C GLU A 246 7.47 35.09 -16.41
N GLU A 247 6.27 35.44 -16.89
CA GLU A 247 6.02 35.63 -18.31
C GLU A 247 6.34 37.08 -18.65
N GLU A 248 7.49 37.29 -19.28
CA GLU A 248 7.84 38.63 -19.74
C GLU A 248 7.00 38.99 -20.96
N GLU A 249 6.56 40.25 -21.00
CA GLU A 249 5.83 40.74 -22.16
C GLU A 249 6.70 40.79 -23.42
N ASN A 250 8.02 40.71 -23.26
CA ASN A 250 8.92 40.64 -24.41
C ASN A 250 8.70 39.37 -25.23
N GLY A 251 8.28 38.29 -24.57
CA GLY A 251 8.05 37.03 -25.25
C GLY A 251 8.68 35.85 -24.53
N GLY A 252 9.97 35.98 -24.22
CA GLY A 252 10.67 34.93 -23.49
C GLY A 252 10.38 35.00 -22.01
N VAL A 253 9.98 33.88 -21.44
CA VAL A 253 9.68 33.78 -20.01
C VAL A 253 10.96 33.46 -19.25
N TRP A 254 11.08 34.01 -18.05
CA TRP A 254 12.21 33.71 -17.19
C TRP A 254 11.84 32.56 -16.25
N GLU A 255 12.80 31.67 -16.01
CA GLU A 255 12.60 30.56 -15.08
C GLU A 255 13.85 30.34 -14.23
N GLY A 256 13.62 30.17 -12.93
CA GLY A 256 14.64 29.67 -12.03
C GLY A 256 14.10 28.45 -11.29
N PHE A 257 15.00 27.74 -10.62
CA PHE A 257 14.65 26.49 -9.98
C PHE A 257 15.11 26.50 -8.53
N GLY A 258 14.21 26.17 -7.62
CA GLY A 258 14.60 26.00 -6.23
C GLY A 258 15.56 24.83 -6.08
N ASP A 259 16.55 25.01 -5.21
CA ASP A 259 17.61 24.02 -5.07
C ASP A 259 17.28 23.04 -3.95
N PHE A 260 17.32 21.76 -4.27
CA PHE A 260 17.13 20.70 -3.29
C PHE A 260 17.57 19.39 -3.92
N SER A 261 18.02 18.48 -3.07
CA SER A 261 18.37 17.12 -3.46
C SER A 261 17.24 16.17 -3.05
N PRO A 262 17.16 14.99 -3.68
CA PRO A 262 16.09 14.04 -3.33
C PRO A 262 15.95 13.77 -1.84
N THR A 263 17.02 14.01 -1.08
CA THR A 263 16.94 13.87 0.37
C THR A 263 16.04 14.92 0.99
N ASP A 264 15.91 16.08 0.35
CA ASP A 264 15.05 17.14 0.88
C ASP A 264 13.58 16.88 0.65
N VAL A 265 13.24 16.01 -0.30
CA VAL A 265 11.85 15.61 -0.49
C VAL A 265 11.46 14.70 0.67
N HIS A 266 10.56 15.17 1.53
CA HIS A 266 10.20 14.47 2.76
C HIS A 266 8.97 13.60 2.51
N ARG A 267 9.18 12.29 2.41
CA ARG A 267 8.09 11.32 2.40
C ARG A 267 7.07 11.63 1.31
N GLN A 268 7.55 12.09 0.16
CA GLN A 268 6.78 12.34 -1.06
C GLN A 268 5.72 13.44 -0.93
N PHE A 269 5.65 14.14 0.21
CA PHE A 269 4.55 15.07 0.43
C PHE A 269 5.03 16.43 0.92
N ALA A 270 6.33 16.72 0.80
CA ALA A 270 6.88 18.01 1.20
C ALA A 270 8.29 18.13 0.65
N ILE A 271 8.72 19.37 0.43
CA ILE A 271 10.04 19.66 -0.11
C ILE A 271 10.60 20.87 0.63
N VAL A 272 11.82 20.74 1.16
CA VAL A 272 12.56 21.85 1.72
C VAL A 272 13.58 22.29 0.68
N PHE A 273 13.48 23.55 0.26
CA PHE A 273 14.29 24.01 -0.86
C PHE A 273 14.75 25.44 -0.61
N LYS A 274 15.91 25.76 -1.16
CA LYS A 274 16.40 27.13 -1.18
C LYS A 274 16.02 27.79 -2.49
N THR A 275 15.59 29.04 -2.42
CA THR A 275 15.08 29.74 -3.58
C THR A 275 16.22 30.13 -4.52
N PRO A 276 15.95 30.21 -5.82
CA PRO A 276 16.95 30.70 -6.77
C PRO A 276 17.06 32.22 -6.70
N LYS A 277 18.09 32.74 -7.36
CA LYS A 277 18.26 34.18 -7.43
C LYS A 277 17.48 34.73 -8.62
N TYR A 278 16.79 35.84 -8.40
CA TYR A 278 16.08 36.52 -9.48
C TYR A 278 17.08 36.98 -10.53
N LYS A 279 16.58 37.13 -11.77
CA LYS A 279 17.45 37.55 -12.86
C LYS A 279 17.93 38.99 -12.74
N ASP A 280 17.35 39.77 -11.83
CA ASP A 280 17.74 41.16 -11.58
C ASP A 280 18.06 41.31 -10.11
N VAL A 281 19.33 41.14 -9.75
CA VAL A 281 19.73 41.28 -8.35
C VAL A 281 19.57 42.73 -7.89
N ASN A 282 19.63 43.68 -8.81
CA ASN A 282 19.54 45.11 -8.49
C ASN A 282 18.21 45.62 -9.04
N ILE A 283 17.12 45.28 -8.36
CA ILE A 283 15.78 45.69 -8.76
C ILE A 283 15.32 46.82 -7.84
N THR A 284 14.35 47.59 -8.33
CA THR A 284 13.84 48.75 -7.61
C THR A 284 12.60 48.38 -6.81
N LYS A 285 11.51 48.06 -7.51
CA LYS A 285 10.24 47.67 -6.92
C LYS A 285 10.11 46.14 -6.89
N PRO A 286 9.26 45.61 -6.01
CA PRO A 286 9.11 44.16 -5.93
C PRO A 286 8.55 43.58 -7.23
N ALA A 287 9.10 42.42 -7.61
CA ALA A 287 8.66 41.72 -8.81
C ALA A 287 7.75 40.54 -8.43
N SER A 288 6.77 40.28 -9.28
CA SER A 288 5.76 39.25 -9.02
C SER A 288 5.94 38.10 -10.01
N VAL A 289 6.28 36.93 -9.50
CA VAL A 289 6.44 35.73 -10.32
C VAL A 289 5.48 34.66 -9.81
N PHE A 290 5.49 33.50 -10.44
CA PHE A 290 4.73 32.34 -9.98
C PHE A 290 5.69 31.20 -9.73
N VAL A 291 5.22 30.21 -8.97
CA VAL A 291 6.00 29.01 -8.66
C VAL A 291 5.11 27.80 -8.88
N GLN A 292 5.71 26.71 -9.35
CA GLN A 292 4.97 25.50 -9.65
C GLN A 292 5.84 24.27 -9.51
N LEU A 293 5.20 23.14 -9.21
CA LEU A 293 5.86 21.85 -9.31
C LEU A 293 5.91 21.42 -10.77
N ARG A 294 6.99 20.74 -11.13
CA ARG A 294 7.10 20.19 -12.47
C ARG A 294 7.81 18.84 -12.40
N ARG A 295 7.29 17.88 -13.16
CA ARG A 295 7.87 16.55 -13.22
C ARG A 295 8.89 16.52 -14.35
N LYS A 296 10.12 16.08 -14.04
CA LYS A 296 11.16 16.05 -15.05
C LYS A 296 10.78 15.13 -16.21
N SER A 297 10.10 14.02 -15.92
CA SER A 297 9.95 12.96 -16.90
C SER A 297 8.94 13.32 -17.99
N ASP A 298 7.86 14.02 -17.64
CA ASP A 298 6.83 14.35 -18.61
C ASP A 298 6.36 15.80 -18.55
N LEU A 299 7.06 16.65 -17.79
CA LEU A 299 6.88 18.10 -17.75
C LEU A 299 5.50 18.54 -17.27
N GLU A 300 4.71 17.64 -16.68
CA GLU A 300 3.44 18.07 -16.12
C GLU A 300 3.68 19.07 -14.99
N THR A 301 2.76 20.02 -14.84
CA THR A 301 2.92 21.07 -13.87
C THR A 301 1.77 21.06 -12.88
N SER A 302 1.72 22.09 -12.05
CA SER A 302 0.65 22.30 -11.08
C SER A 302 0.13 23.72 -11.24
N GLU A 303 -1.01 23.97 -10.61
CA GLU A 303 -1.55 25.32 -10.56
C GLU A 303 -0.52 26.25 -9.92
N PRO A 304 -0.11 27.32 -10.59
CA PRO A 304 0.94 28.18 -10.03
C PRO A 304 0.47 28.88 -8.76
N LYS A 305 1.43 29.21 -7.90
CA LYS A 305 1.19 30.01 -6.72
C LYS A 305 2.05 31.28 -6.77
N PRO A 306 1.51 32.42 -6.36
CA PRO A 306 2.24 33.68 -6.54
C PRO A 306 3.45 33.77 -5.61
N PHE A 307 4.38 34.63 -5.99
CA PHE A 307 5.59 34.83 -5.20
C PHE A 307 6.14 36.23 -5.48
N LEU A 308 6.70 36.84 -4.45
CA LEU A 308 7.23 38.20 -4.55
C LEU A 308 8.74 38.20 -4.33
N TYR A 309 9.44 39.00 -5.13
CA TYR A 309 10.86 39.28 -4.95
C TYR A 309 11.03 40.74 -4.54
N TYR A 310 11.90 40.98 -3.56
CA TYR A 310 12.14 42.30 -2.99
C TYR A 310 13.58 42.74 -3.22
N PRO A 311 13.85 44.06 -3.26
CA PRO A 311 15.24 44.53 -3.36
C PRO A 311 15.99 44.37 -2.05
N GLU A 312 17.23 44.83 -2.00
CA GLU A 312 18.05 44.72 -0.78
C GLU A 312 18.11 46.04 -0.03
N GLY B 1 4.68 -32.13 40.66
CA GLY B 1 4.16 -32.14 39.31
C GLY B 1 5.02 -31.36 38.34
N PRO B 2 5.32 -31.95 37.19
CA PRO B 2 6.17 -31.25 36.20
C PRO B 2 5.39 -30.16 35.49
N TYR B 3 6.05 -29.01 35.30
CA TYR B 3 5.43 -27.87 34.66
C TYR B 3 6.42 -27.24 33.68
N LEU B 4 6.01 -26.13 33.08
CA LEU B 4 6.83 -25.39 32.14
C LEU B 4 6.93 -23.95 32.61
N GLN B 5 8.14 -23.40 32.57
CA GLN B 5 8.41 -22.05 33.04
C GLN B 5 9.17 -21.26 31.97
N ILE B 6 8.80 -20.00 31.82
CA ILE B 6 9.44 -19.10 30.86
C ILE B 6 10.62 -18.44 31.56
N LEU B 7 11.84 -18.82 31.18
CA LEU B 7 13.03 -18.21 31.75
C LEU B 7 13.21 -16.78 31.27
N GLU B 8 13.33 -16.59 29.96
CA GLU B 8 13.41 -15.25 29.37
C GLU B 8 12.29 -15.07 28.36
N GLN B 9 11.51 -14.00 28.55
CA GLN B 9 10.39 -13.62 27.71
C GLN B 9 10.87 -12.96 26.43
N PRO B 10 10.05 -12.95 25.40
CA PRO B 10 10.40 -12.20 24.18
C PRO B 10 10.24 -10.70 24.40
N LYS B 11 11.16 -9.93 23.83
CA LYS B 11 11.07 -8.48 23.92
C LYS B 11 9.77 -8.00 23.28
N GLN B 12 8.99 -7.24 24.04
CA GLN B 12 7.64 -6.91 23.61
C GLN B 12 7.62 -5.89 22.48
N ARG B 13 8.61 -5.03 22.39
CA ARG B 13 8.59 -3.97 21.39
C ARG B 13 9.93 -3.90 20.68
N GLY B 14 9.92 -3.23 19.53
CA GLY B 14 11.10 -3.08 18.70
C GLY B 14 11.17 -4.04 17.54
N PHE B 15 10.49 -5.19 17.61
CA PHE B 15 10.57 -6.19 16.56
C PHE B 15 9.46 -5.96 15.53
N ARG B 16 9.82 -6.12 14.26
CA ARG B 16 8.95 -5.83 13.15
C ARG B 16 8.50 -7.13 12.49
N PHE B 17 7.19 -7.30 12.34
CA PHE B 17 6.66 -8.46 11.65
C PHE B 17 6.92 -8.34 10.15
N ARG B 18 7.23 -9.46 9.52
CA ARG B 18 7.61 -9.48 8.12
C ARG B 18 6.59 -10.26 7.30
N TYR B 19 6.42 -9.86 6.05
CA TYR B 19 5.59 -10.61 5.12
C TYR B 19 6.45 -11.62 4.36
N VAL B 20 5.78 -12.51 3.62
CA VAL B 20 6.50 -13.51 2.83
C VAL B 20 7.46 -12.82 1.87
N CYS B 21 7.02 -11.71 1.27
CA CYS B 21 7.86 -11.03 0.28
C CYS B 21 9.15 -10.50 0.90
N GLU B 22 9.12 -10.14 2.19
CA GLU B 22 10.31 -9.58 2.83
C GLU B 22 11.37 -10.65 3.09
N GLY B 23 11.04 -11.93 2.88
CA GLY B 23 12.01 -12.99 2.97
C GLY B 23 12.55 -13.20 4.37
N PRO B 24 13.41 -14.20 4.54
CA PRO B 24 14.04 -14.44 5.85
C PRO B 24 15.18 -13.48 6.10
N SER B 25 15.97 -13.76 7.14
CA SER B 25 17.17 -13.01 7.45
C SER B 25 16.88 -11.56 7.82
N HIS B 26 15.65 -11.26 8.23
CA HIS B 26 15.32 -9.94 8.76
C HIS B 26 15.35 -9.91 10.28
N GLY B 27 16.03 -10.88 10.90
CA GLY B 27 16.21 -10.90 12.33
C GLY B 27 15.22 -11.78 13.06
N GLY B 28 15.70 -12.47 14.10
CA GLY B 28 14.83 -13.27 14.94
C GLY B 28 14.36 -12.51 16.17
N LEU B 29 13.25 -12.98 16.74
CA LEU B 29 12.65 -12.34 17.89
C LEU B 29 13.62 -12.33 19.07
N PRO B 30 14.04 -11.16 19.55
CA PRO B 30 15.01 -11.10 20.64
C PRO B 30 14.35 -11.26 22.01
N GLY B 31 15.11 -11.84 22.94
CA GLY B 31 14.67 -11.91 24.31
C GLY B 31 14.61 -10.54 24.96
N ALA B 32 14.03 -10.51 26.16
CA ALA B 32 13.80 -9.24 26.85
C ALA B 32 15.10 -8.60 27.35
N SER B 33 16.16 -9.38 27.51
CA SER B 33 17.44 -8.86 27.99
C SER B 33 18.49 -8.77 26.88
N SER B 34 18.12 -9.11 25.64
CA SER B 34 19.05 -9.00 24.53
C SER B 34 19.41 -7.53 24.28
N GLU B 35 20.64 -7.30 23.80
CA GLU B 35 21.12 -5.96 23.55
C GLU B 35 21.89 -5.96 22.23
N LYS B 36 22.47 -4.80 21.91
CA LYS B 36 23.20 -4.64 20.65
C LYS B 36 24.41 -5.55 20.58
N ASN B 37 25.04 -5.83 21.71
CA ASN B 37 26.20 -6.71 21.76
C ASN B 37 25.93 -8.04 22.46
N LYS B 38 25.21 -8.03 23.57
CA LYS B 38 24.80 -9.27 24.24
C LYS B 38 23.39 -9.61 23.75
N LYS B 39 23.31 -10.61 22.87
CA LYS B 39 22.05 -10.98 22.24
C LYS B 39 21.53 -12.27 22.88
N SER B 40 20.41 -12.16 23.58
CA SER B 40 19.71 -13.30 24.15
C SER B 40 18.47 -13.60 23.31
N TYR B 41 17.78 -14.66 23.67
CA TYR B 41 16.62 -15.12 22.92
C TYR B 41 15.55 -15.58 23.90
N PRO B 42 14.30 -15.70 23.44
CA PRO B 42 13.26 -16.26 24.31
C PRO B 42 13.57 -17.70 24.68
N GLN B 43 13.57 -17.98 25.97
CA GLN B 43 13.94 -19.32 26.43
C GLN B 43 13.04 -19.75 27.56
N VAL B 44 12.76 -21.06 27.59
CA VAL B 44 11.92 -21.68 28.58
C VAL B 44 12.66 -22.86 29.21
N LYS B 45 12.04 -23.47 30.21
CA LYS B 45 12.62 -24.59 30.92
C LYS B 45 11.51 -25.47 31.48
N ILE B 46 11.65 -26.78 31.30
CA ILE B 46 10.71 -27.75 31.86
C ILE B 46 11.21 -28.14 33.25
N CYS B 47 10.48 -27.73 34.28
CA CYS B 47 10.87 -27.99 35.65
C CYS B 47 10.18 -29.26 36.18
N ASN B 48 10.80 -29.83 37.22
CA ASN B 48 10.31 -31.06 37.86
C ASN B 48 10.27 -32.24 36.88
N TYR B 49 11.17 -32.25 35.90
CA TYR B 49 11.31 -33.37 34.98
C TYR B 49 12.69 -33.32 34.36
N VAL B 50 13.24 -34.50 34.10
CA VAL B 50 14.52 -34.65 33.40
C VAL B 50 14.37 -35.79 32.40
N GLY B 51 14.75 -35.53 31.16
CA GLY B 51 14.63 -36.51 30.11
C GLY B 51 14.22 -35.87 28.80
N PRO B 52 14.09 -36.68 27.76
CA PRO B 52 13.69 -36.14 26.46
C PRO B 52 12.29 -35.54 26.50
N ALA B 53 12.17 -34.31 25.99
CA ALA B 53 10.88 -33.64 25.93
C ALA B 53 10.82 -32.79 24.66
N LYS B 54 9.60 -32.56 24.19
CA LYS B 54 9.38 -31.81 22.96
C LYS B 54 8.55 -30.57 23.26
N VAL B 55 9.08 -29.39 22.97
CA VAL B 55 8.40 -28.13 23.23
C VAL B 55 7.95 -27.53 21.91
N ILE B 56 6.69 -27.10 21.86
CA ILE B 56 6.16 -26.45 20.67
C ILE B 56 5.76 -25.02 21.02
N VAL B 57 5.83 -24.15 20.02
CA VAL B 57 5.52 -22.74 20.14
C VAL B 57 4.52 -22.38 19.06
N GLN B 58 3.40 -21.79 19.46
CA GLN B 58 2.36 -21.31 18.55
C GLN B 58 2.11 -19.83 18.81
N LEU B 59 1.46 -19.17 17.86
CA LEU B 59 1.07 -17.78 18.01
C LEU B 59 -0.40 -17.70 18.38
N VAL B 60 -0.70 -16.93 19.42
CA VAL B 60 -2.05 -16.80 19.96
C VAL B 60 -2.40 -15.33 20.06
N THR B 61 -3.71 -15.06 20.15
CA THR B 61 -4.21 -13.70 20.19
C THR B 61 -3.96 -13.08 21.55
N ASN B 62 -4.16 -11.76 21.62
CA ASN B 62 -3.95 -10.99 22.83
C ASN B 62 -5.24 -10.55 23.50
N GLY B 63 -6.38 -10.83 22.90
CA GLY B 63 -7.64 -10.34 23.42
C GLY B 63 -8.01 -10.96 24.76
N LYS B 64 -9.28 -10.78 25.14
CA LYS B 64 -9.79 -11.35 26.36
C LYS B 64 -9.85 -12.87 26.33
N ASN B 65 -9.58 -13.49 25.19
CA ASN B 65 -9.45 -14.94 25.09
C ASN B 65 -8.08 -15.29 24.51
N ILE B 66 -7.72 -16.56 24.63
CA ILE B 66 -6.48 -17.04 24.03
C ILE B 66 -6.86 -17.87 22.81
N HIS B 67 -7.07 -17.20 21.68
CA HIS B 67 -7.38 -17.85 20.42
C HIS B 67 -6.13 -17.97 19.57
N LEU B 68 -6.18 -18.87 18.60
CA LEU B 68 -5.06 -19.00 17.67
C LEU B 68 -4.93 -17.76 16.81
N HIS B 69 -3.70 -17.37 16.53
CA HIS B 69 -3.42 -16.20 15.72
C HIS B 69 -3.10 -16.63 14.29
N ALA B 70 -3.47 -15.78 13.33
CA ALA B 70 -3.25 -16.09 11.93
C ALA B 70 -1.81 -15.89 11.49
N HIS B 71 -1.03 -15.09 12.21
CA HIS B 71 0.39 -14.95 11.89
C HIS B 71 1.11 -16.26 12.14
N SER B 72 2.32 -16.37 11.59
CA SER B 72 3.07 -17.62 11.66
C SER B 72 4.44 -17.42 12.26
N LEU B 73 5.04 -18.51 12.72
CA LEU B 73 6.41 -18.51 13.20
C LEU B 73 7.32 -19.08 12.12
N VAL B 74 8.48 -18.47 11.94
CA VAL B 74 9.41 -18.87 10.89
C VAL B 74 10.82 -18.83 11.44
N GLY B 75 11.69 -19.65 10.87
CA GLY B 75 13.06 -19.71 11.34
C GLY B 75 13.44 -21.14 11.64
N LYS B 76 14.50 -21.30 12.44
CA LYS B 76 14.98 -22.64 12.74
C LYS B 76 13.93 -23.41 13.54
N HIS B 77 13.77 -24.68 13.19
CA HIS B 77 12.80 -25.57 13.81
C HIS B 77 11.36 -25.08 13.61
N CYS B 78 11.13 -24.19 12.66
CA CYS B 78 9.79 -23.71 12.36
C CYS B 78 9.26 -24.37 11.11
N GLU B 79 8.06 -24.91 11.20
CA GLU B 79 7.38 -25.51 10.06
C GLU B 79 5.88 -25.40 10.29
N ASP B 80 5.15 -25.03 9.23
CA ASP B 80 3.70 -24.81 9.29
C ASP B 80 3.34 -23.71 10.31
N GLY B 81 4.19 -22.69 10.43
CA GLY B 81 3.93 -21.63 11.38
C GLY B 81 4.07 -22.02 12.84
N VAL B 82 4.58 -23.22 13.11
CA VAL B 82 4.72 -23.74 14.45
C VAL B 82 6.19 -24.06 14.69
N CYS B 83 6.71 -23.70 15.86
CA CYS B 83 8.08 -24.01 16.21
C CYS B 83 8.12 -25.27 17.07
N THR B 84 9.05 -26.18 16.76
CA THR B 84 9.16 -27.44 17.50
C THR B 84 10.62 -27.71 17.81
N VAL B 85 10.93 -27.86 19.09
CA VAL B 85 12.30 -28.10 19.52
C VAL B 85 12.29 -29.30 20.47
N THR B 86 13.45 -29.95 20.57
CA THR B 86 13.61 -31.11 21.44
C THR B 86 14.63 -30.76 22.51
N ALA B 87 14.17 -30.68 23.76
CA ALA B 87 15.02 -30.35 24.89
C ALA B 87 15.33 -31.62 25.67
N GLY B 88 16.60 -31.74 26.10
CA GLY B 88 17.05 -32.90 26.82
C GLY B 88 18.24 -33.58 26.18
N PRO B 89 18.52 -34.81 26.58
CA PRO B 89 17.84 -35.57 27.64
C PRO B 89 18.26 -35.12 29.04
N LYS B 90 19.32 -34.30 29.13
CA LYS B 90 19.82 -33.81 30.41
C LYS B 90 19.48 -32.33 30.65
N ASP B 91 19.77 -31.46 29.69
CA ASP B 91 19.48 -30.03 29.83
C ASP B 91 18.01 -29.78 29.51
N MET B 92 17.28 -29.21 30.47
CA MET B 92 15.85 -28.92 30.31
C MET B 92 15.58 -27.45 29.99
N VAL B 93 16.63 -26.66 29.76
CA VAL B 93 16.49 -25.28 29.31
C VAL B 93 16.65 -25.26 27.80
N VAL B 94 15.76 -24.54 27.11
CA VAL B 94 15.81 -24.45 25.66
C VAL B 94 15.43 -23.04 25.23
N GLY B 95 16.26 -22.45 24.38
CA GLY B 95 16.01 -21.15 23.82
C GLY B 95 15.57 -21.23 22.36
N PHE B 96 15.21 -20.07 21.82
CA PHE B 96 14.70 -19.96 20.46
C PHE B 96 15.38 -18.79 19.77
N ALA B 97 16.56 -19.04 19.21
CA ALA B 97 17.20 -18.09 18.33
C ALA B 97 16.59 -18.19 16.94
N ASN B 98 16.74 -17.11 16.16
CA ASN B 98 16.24 -17.04 14.79
C ASN B 98 14.78 -17.49 14.70
N LEU B 99 13.93 -16.74 15.38
CA LEU B 99 12.50 -17.04 15.50
C LEU B 99 11.72 -15.80 15.10
N GLY B 100 11.48 -15.62 13.80
CA GLY B 100 10.76 -14.46 13.33
C GLY B 100 9.27 -14.70 13.17
N ILE B 101 8.53 -13.60 13.03
CA ILE B 101 7.08 -13.63 12.96
C ILE B 101 6.65 -13.20 11.56
N LEU B 102 5.91 -14.07 10.88
CA LEU B 102 5.43 -13.83 9.54
C LEU B 102 4.03 -13.23 9.60
N HIS B 103 3.91 -12.02 9.08
CA HIS B 103 2.66 -11.28 9.03
C HIS B 103 1.80 -11.82 7.89
N VAL B 104 0.60 -12.26 8.22
CA VAL B 104 -0.30 -12.84 7.24
C VAL B 104 -1.10 -11.72 6.58
N THR B 105 -1.42 -11.91 5.31
CA THR B 105 -2.29 -10.98 4.61
C THR B 105 -3.68 -10.99 5.21
N LYS B 106 -4.32 -9.83 5.26
CA LYS B 106 -5.71 -9.76 5.72
C LYS B 106 -6.59 -10.71 4.92
N LYS B 107 -6.35 -10.79 3.60
CA LYS B 107 -7.13 -11.66 2.73
C LYS B 107 -6.85 -13.15 2.97
N LYS B 108 -5.94 -13.51 3.88
CA LYS B 108 -5.68 -14.90 4.20
C LYS B 108 -5.77 -15.19 5.68
N VAL B 109 -6.38 -14.29 6.45
CA VAL B 109 -6.54 -14.52 7.89
C VAL B 109 -7.56 -15.62 8.13
N PHE B 110 -8.76 -15.49 7.55
CA PHE B 110 -9.83 -16.44 7.82
C PHE B 110 -9.42 -17.86 7.48
N GLU B 111 -8.91 -18.07 6.26
CA GLU B 111 -8.58 -19.42 5.84
C GLU B 111 -7.45 -19.99 6.69
N THR B 112 -6.55 -19.15 7.17
CA THR B 112 -5.48 -19.63 8.05
C THR B 112 -6.02 -19.95 9.44
N LEU B 113 -6.78 -19.01 10.02
CA LEU B 113 -7.36 -19.21 11.33
C LEU B 113 -8.25 -20.45 11.37
N GLU B 114 -9.15 -20.58 10.38
CA GLU B 114 -10.05 -21.72 10.38
C GLU B 114 -9.29 -23.03 10.22
N ALA B 115 -8.25 -23.04 9.38
CA ALA B 115 -7.47 -24.26 9.17
C ALA B 115 -6.79 -24.70 10.46
N ARG B 116 -6.33 -23.74 11.27
CA ARG B 116 -5.64 -24.07 12.50
C ARG B 116 -6.61 -24.41 13.62
N MET B 117 -7.76 -23.74 13.67
CA MET B 117 -8.74 -24.04 14.70
C MET B 117 -9.35 -25.42 14.49
N THR B 118 -9.43 -25.88 13.24
CA THR B 118 -9.92 -27.23 12.98
C THR B 118 -8.92 -28.28 13.44
N GLU B 119 -7.61 -28.01 13.24
CA GLU B 119 -6.59 -28.93 13.76
C GLU B 119 -6.59 -28.98 15.28
N ALA B 120 -7.05 -27.90 15.93
CA ALA B 120 -7.08 -27.86 17.39
C ALA B 120 -8.22 -28.66 17.97
N CYS B 121 -9.30 -28.87 17.20
CA CYS B 121 -10.43 -29.66 17.66
C CYS B 121 -10.28 -31.14 17.37
N ILE B 122 -9.47 -31.51 16.36
CA ILE B 122 -9.31 -32.91 16.02
C ILE B 122 -8.46 -33.63 17.06
N ARG B 123 -7.42 -32.96 17.57
CA ARG B 123 -6.55 -33.54 18.59
C ARG B 123 -6.82 -32.98 19.98
N GLY B 124 -7.85 -32.16 20.15
CA GLY B 124 -8.21 -31.65 21.45
C GLY B 124 -7.29 -30.62 22.05
N TYR B 125 -6.76 -29.71 21.22
CA TYR B 125 -5.90 -28.64 21.73
C TYR B 125 -6.70 -27.63 22.53
N ASN B 126 -7.35 -28.07 23.61
CA ASN B 126 -8.22 -27.24 24.42
C ASN B 126 -9.22 -26.46 23.54
N PRO B 127 -10.09 -27.16 22.80
CA PRO B 127 -10.97 -26.45 21.85
C PRO B 127 -11.95 -25.50 22.52
N GLY B 128 -12.20 -25.67 23.82
CA GLY B 128 -13.04 -24.73 24.54
C GLY B 128 -12.36 -23.44 24.93
N LEU B 129 -11.05 -23.35 24.73
CA LEU B 129 -10.28 -22.15 25.04
C LEU B 129 -9.56 -21.57 23.83
N LEU B 130 -9.15 -22.39 22.87
CA LEU B 130 -8.51 -21.92 21.65
C LEU B 130 -9.48 -21.68 20.50
N VAL B 131 -10.61 -22.39 20.48
CA VAL B 131 -11.55 -22.28 19.36
C VAL B 131 -12.85 -21.63 19.83
N HIS B 132 -13.72 -22.40 20.47
CA HIS B 132 -14.98 -21.88 20.98
C HIS B 132 -15.38 -22.65 22.23
N SER B 133 -15.96 -21.95 23.19
CA SER B 133 -16.37 -22.58 24.45
C SER B 133 -17.41 -23.68 24.21
N ASP B 134 -18.20 -23.55 23.15
CA ASP B 134 -19.15 -24.61 22.80
C ASP B 134 -18.43 -25.93 22.53
N LEU B 135 -17.24 -25.88 21.95
CA LEU B 135 -16.45 -27.06 21.63
C LEU B 135 -15.53 -27.48 22.78
N ALA B 136 -16.04 -27.41 24.01
CA ALA B 136 -15.26 -27.79 25.20
C ALA B 136 -14.96 -29.28 25.28
N TYR B 137 -14.78 -29.95 24.13
CA TYR B 137 -14.43 -31.38 24.11
C TYR B 137 -12.92 -31.50 24.20
N LEU B 138 -12.42 -31.43 25.44
CA LEU B 138 -10.98 -31.46 25.70
C LEU B 138 -10.46 -32.87 25.49
N GLN B 139 -10.31 -33.25 24.23
CA GLN B 139 -9.67 -34.51 23.88
C GLN B 139 -8.15 -34.34 23.77
N ALA B 140 -7.57 -33.68 24.77
CA ALA B 140 -6.15 -33.38 24.77
C ALA B 140 -5.35 -34.64 25.09
N GLU B 141 -4.02 -34.47 25.18
CA GLU B 141 -3.09 -35.55 25.47
C GLU B 141 -3.18 -36.66 24.42
N GLY B 142 -3.76 -37.80 24.78
CA GLY B 142 -3.86 -38.93 23.87
C GLY B 142 -5.08 -38.91 22.98
N GLY B 143 -5.21 -37.86 22.16
CA GLY B 143 -6.31 -37.77 21.24
C GLY B 143 -5.89 -38.03 19.81
N GLY B 144 -6.01 -37.03 18.94
CA GLY B 144 -5.58 -37.13 17.57
C GLY B 144 -6.49 -37.92 16.65
N ASP B 145 -7.51 -38.61 17.18
CA ASP B 145 -8.43 -39.43 16.38
C ASP B 145 -9.86 -39.00 16.70
N ARG B 146 -10.32 -37.97 15.99
CA ARG B 146 -11.69 -37.49 16.14
C ARG B 146 -12.12 -36.78 14.87
N GLN B 147 -13.24 -37.21 14.30
CA GLN B 147 -13.82 -36.58 13.13
C GLN B 147 -14.91 -35.62 13.58
N LEU B 148 -14.79 -34.35 13.19
CA LEU B 148 -15.74 -33.34 13.61
C LEU B 148 -17.09 -33.56 12.96
N THR B 149 -18.15 -33.31 13.71
CA THR B 149 -19.49 -33.42 13.18
C THR B 149 -19.79 -32.24 12.25
N ASP B 150 -20.96 -32.29 11.61
CA ASP B 150 -21.35 -31.21 10.72
C ASP B 150 -21.78 -29.96 11.48
N ARG B 151 -22.09 -30.07 12.76
CA ARG B 151 -22.42 -28.93 13.60
C ARG B 151 -21.18 -28.30 14.24
N GLU B 152 -20.20 -29.12 14.63
CA GLU B 152 -18.97 -28.59 15.20
C GLU B 152 -18.16 -27.84 14.17
N LYS B 153 -18.13 -28.33 12.92
CA LYS B 153 -17.42 -27.62 11.86
C LYS B 153 -18.07 -26.28 11.56
N GLU B 154 -19.38 -26.14 11.82
CA GLU B 154 -20.04 -24.86 11.65
C GLU B 154 -19.73 -23.91 12.80
N ILE B 155 -19.60 -24.45 14.02
CA ILE B 155 -19.11 -23.63 15.14
C ILE B 155 -17.70 -23.14 14.85
N ILE B 156 -16.89 -23.99 14.22
CA ILE B 156 -15.52 -23.59 13.85
C ILE B 156 -15.55 -22.48 12.80
N ARG B 157 -16.45 -22.59 11.83
CA ARG B 157 -16.57 -21.57 10.80
C ARG B 157 -16.96 -20.22 11.40
N GLN B 158 -18.02 -20.20 12.21
CA GLN B 158 -18.48 -18.94 12.79
C GLN B 158 -17.45 -18.35 13.75
N ALA B 159 -16.74 -19.20 14.50
CA ALA B 159 -15.64 -18.72 15.30
C ALA B 159 -14.53 -18.15 14.43
N ALA B 160 -14.26 -18.79 13.30
CA ALA B 160 -13.26 -18.28 12.37
C ALA B 160 -13.69 -16.93 11.79
N VAL B 161 -14.98 -16.78 11.47
CA VAL B 161 -15.47 -15.50 10.96
C VAL B 161 -15.36 -14.42 12.03
N GLN B 162 -15.76 -14.76 13.27
CA GLN B 162 -15.79 -13.75 14.33
C GLN B 162 -14.38 -13.40 14.79
N GLN B 163 -13.53 -14.40 15.02
CA GLN B 163 -12.16 -14.12 15.45
C GLN B 163 -11.36 -13.42 14.36
N THR B 164 -11.65 -13.71 13.10
CA THR B 164 -11.02 -12.95 12.01
C THR B 164 -11.38 -11.47 12.10
N LYS B 165 -12.65 -11.17 12.40
CA LYS B 165 -13.09 -9.79 12.49
C LYS B 165 -12.45 -9.07 13.67
N GLU B 166 -12.16 -9.79 14.75
CA GLU B 166 -11.59 -9.19 15.95
C GLU B 166 -10.11 -9.44 16.11
N MET B 167 -9.47 -10.10 15.13
CA MET B 167 -8.05 -10.41 15.27
C MET B 167 -7.22 -9.16 15.08
N ASP B 168 -6.38 -8.85 16.06
CA ASP B 168 -5.43 -7.75 15.97
C ASP B 168 -4.15 -8.30 15.35
N LEU B 169 -3.89 -7.91 14.10
CA LEU B 169 -2.69 -8.35 13.41
C LEU B 169 -1.42 -7.62 13.87
N SER B 170 -1.53 -6.72 14.85
CA SER B 170 -0.39 -5.95 15.31
C SER B 170 0.21 -6.46 16.61
N VAL B 171 -0.46 -7.38 17.30
CA VAL B 171 0.06 -7.94 18.55
C VAL B 171 -0.20 -9.44 18.55
N VAL B 172 0.80 -10.21 18.95
CA VAL B 172 0.69 -11.66 19.08
C VAL B 172 1.22 -12.05 20.46
N ARG B 173 1.04 -13.33 20.81
CA ARG B 173 1.66 -13.87 22.01
C ARG B 173 2.17 -15.27 21.71
N LEU B 174 3.35 -15.58 22.23
CA LEU B 174 3.86 -16.94 22.12
C LEU B 174 3.17 -17.83 23.13
N MET B 175 2.77 -19.02 22.71
CA MET B 175 2.27 -20.05 23.60
C MET B 175 3.19 -21.26 23.50
N PHE B 176 3.79 -21.63 24.63
CA PHE B 176 4.69 -22.77 24.72
C PHE B 176 3.96 -23.94 25.34
N THR B 177 3.97 -25.08 24.65
CA THR B 177 3.34 -26.30 25.12
C THR B 177 4.38 -27.41 25.15
N ALA B 178 4.61 -27.99 26.32
CA ALA B 178 5.60 -29.04 26.52
C ALA B 178 4.93 -30.42 26.46
N PHE B 179 5.67 -31.38 25.91
CA PHE B 179 5.23 -32.76 25.79
C PHE B 179 6.30 -33.68 26.35
N LEU B 180 5.90 -34.58 27.25
CA LEU B 180 6.72 -35.60 27.90
C LEU B 180 6.35 -36.98 27.38
N PRO B 181 7.29 -37.95 27.41
CA PRO B 181 6.99 -39.29 26.90
C PRO B 181 5.97 -40.02 27.76
N ASP B 182 5.20 -40.89 27.11
CA ASP B 182 4.18 -41.67 27.79
C ASP B 182 4.75 -43.03 28.19
N SER B 183 3.86 -44.02 28.38
CA SER B 183 4.31 -45.34 28.78
C SER B 183 4.99 -46.10 27.65
N THR B 184 4.72 -45.72 26.39
CA THR B 184 5.32 -46.39 25.25
C THR B 184 6.70 -45.82 24.91
N GLY B 185 6.77 -44.53 24.64
CA GLY B 185 8.03 -43.89 24.30
C GLY B 185 7.88 -42.54 23.64
N SER B 186 6.85 -42.40 22.80
CA SER B 186 6.59 -41.12 22.14
C SER B 186 6.01 -40.11 23.12
N PHE B 187 6.15 -38.83 22.78
CA PHE B 187 5.74 -37.74 23.66
C PHE B 187 4.23 -37.58 23.60
N THR B 188 3.58 -37.70 24.77
CA THR B 188 2.12 -37.62 24.84
C THR B 188 1.65 -36.78 26.01
N ARG B 189 2.32 -36.91 27.16
CA ARG B 189 1.91 -36.18 28.36
C ARG B 189 2.05 -34.67 28.14
N ARG B 190 0.93 -33.98 27.98
CA ARG B 190 0.93 -32.55 27.65
C ARG B 190 0.87 -31.74 28.93
N LEU B 191 1.95 -31.00 29.21
CA LEU B 191 1.98 -30.14 30.38
C LEU B 191 1.13 -28.89 30.13
N GLU B 192 1.03 -28.05 31.15
CA GLU B 192 0.26 -26.82 31.06
C GLU B 192 0.92 -25.87 30.07
N PRO B 193 0.20 -25.43 29.03
CA PRO B 193 0.77 -24.40 28.14
C PRO B 193 0.97 -23.09 28.90
N VAL B 194 2.02 -22.38 28.50
CA VAL B 194 2.36 -21.08 29.11
C VAL B 194 2.33 -20.02 28.02
N VAL B 195 1.55 -18.97 28.26
CA VAL B 195 1.46 -17.83 27.34
C VAL B 195 2.50 -16.80 27.74
N SER B 196 3.27 -16.33 26.76
CA SER B 196 4.29 -15.33 27.00
C SER B 196 3.68 -13.93 27.02
N ASP B 197 4.54 -12.94 27.23
CA ASP B 197 4.12 -11.56 27.10
C ASP B 197 3.70 -11.27 25.65
N ALA B 198 2.99 -10.17 25.49
CA ALA B 198 2.51 -9.78 24.17
C ALA B 198 3.62 -9.10 23.39
N ILE B 199 3.86 -9.56 22.17
CA ILE B 199 4.81 -8.94 21.25
C ILE B 199 4.03 -8.00 20.33
N TYR B 200 4.49 -6.75 20.24
CA TYR B 200 3.83 -5.72 19.47
C TYR B 200 4.63 -5.40 18.22
N ASP B 201 3.96 -5.48 17.06
CA ASP B 201 4.60 -5.18 15.79
C ASP B 201 5.02 -3.72 15.75
N SER B 202 6.33 -3.49 15.55
CA SER B 202 6.82 -2.12 15.50
C SER B 202 6.30 -1.39 14.26
N LYS B 203 5.97 -2.14 13.20
CA LYS B 203 5.54 -1.50 11.95
C LYS B 203 4.12 -0.96 12.01
N ALA B 204 3.35 -1.33 13.03
CA ALA B 204 1.98 -0.85 13.15
C ALA B 204 1.96 0.67 13.24
N PRO B 205 1.05 1.35 12.54
CA PRO B 205 0.97 2.81 12.66
C PRO B 205 0.61 3.27 14.07
N ASN B 206 -0.08 2.44 14.85
CA ASN B 206 -0.46 2.78 16.21
C ASN B 206 0.69 2.57 17.21
N ALA B 207 1.88 2.24 16.72
CA ALA B 207 3.03 2.03 17.60
C ALA B 207 4.34 2.52 17.00
N SER B 208 4.35 3.02 15.77
CA SER B 208 5.57 3.56 15.18
C SER B 208 6.04 4.76 15.98
N ASN B 209 7.32 4.76 16.35
CA ASN B 209 7.86 5.78 17.24
C ASN B 209 7.86 7.14 16.56
N LEU B 210 7.35 8.15 17.27
CA LEU B 210 7.27 9.49 16.73
C LEU B 210 8.66 10.09 16.54
N LYS B 211 8.76 10.99 15.57
CA LYS B 211 10.01 11.69 15.31
C LYS B 211 9.71 13.01 14.60
N ILE B 212 10.32 14.09 15.09
CA ILE B 212 10.28 15.37 14.41
C ILE B 212 11.49 15.42 13.48
N VAL B 213 11.24 15.46 12.17
CA VAL B 213 12.32 15.42 11.20
C VAL B 213 12.93 16.81 11.02
N ARG B 214 12.09 17.78 10.68
CA ARG B 214 12.57 19.14 10.41
C ARG B 214 11.55 20.16 10.89
N MET B 215 12.05 21.36 11.15
CA MET B 215 11.20 22.51 11.43
C MET B 215 11.74 23.71 10.68
N ASP B 216 10.83 24.56 10.20
CA ASP B 216 11.24 25.75 9.46
C ASP B 216 11.75 26.84 10.40
N ARG B 217 11.15 26.96 11.58
CA ARG B 217 11.53 27.97 12.56
C ARG B 217 11.92 27.28 13.85
N THR B 218 13.17 27.49 14.29
CA THR B 218 13.69 26.91 15.52
C THR B 218 13.50 27.84 16.72
N ALA B 219 12.83 28.97 16.54
CA ALA B 219 12.57 29.91 17.63
C ALA B 219 11.29 30.67 17.34
N GLY B 220 10.75 31.30 18.38
CA GLY B 220 9.51 32.06 18.24
C GLY B 220 9.33 33.05 19.37
N CYS B 221 8.56 34.10 19.09
CA CYS B 221 8.27 35.10 20.10
C CYS B 221 7.37 34.52 21.19
N VAL B 222 7.42 35.16 22.36
CA VAL B 222 6.69 34.66 23.52
C VAL B 222 5.19 34.89 23.40
N THR B 223 4.77 35.80 22.52
CA THR B 223 3.35 36.11 22.38
C THR B 223 2.55 35.00 21.72
N GLY B 224 3.22 34.00 21.13
CA GLY B 224 2.54 32.88 20.50
C GLY B 224 1.80 33.29 19.23
N GLY B 225 1.21 32.28 18.60
CA GLY B 225 0.40 32.52 17.41
C GLY B 225 1.19 32.67 16.12
N GLU B 226 2.36 32.04 16.02
CA GLU B 226 3.16 32.08 14.82
C GLU B 226 3.06 30.76 14.08
N GLU B 227 2.91 30.84 12.76
CA GLU B 227 2.73 29.66 11.93
C GLU B 227 4.08 28.99 11.70
N ILE B 228 4.19 27.73 12.10
CA ILE B 228 5.39 26.92 11.94
C ILE B 228 5.03 25.63 11.22
N TYR B 229 5.84 25.27 10.22
CA TYR B 229 5.69 24.05 9.44
C TYR B 229 6.64 22.99 9.99
N LEU B 230 6.12 21.79 10.26
CA LEU B 230 6.88 20.74 10.91
C LEU B 230 6.79 19.47 10.07
N LEU B 231 7.94 18.94 9.66
CA LEU B 231 8.02 17.68 8.94
C LEU B 231 8.33 16.56 9.95
N CYS B 232 7.45 15.57 10.00
CA CYS B 232 7.53 14.45 10.94
C CYS B 232 7.43 13.14 10.18
N ASP B 233 7.54 12.02 10.92
CA ASP B 233 7.32 10.70 10.38
C ASP B 233 5.84 10.35 10.48
N LYS B 234 5.48 9.13 10.07
CA LYS B 234 4.08 8.76 9.92
C LYS B 234 3.33 8.90 11.23
N VAL B 235 2.36 9.81 11.26
CA VAL B 235 1.51 10.04 12.42
C VAL B 235 0.06 10.10 11.95
N GLN B 236 -0.87 9.91 12.88
CA GLN B 236 -2.30 9.93 12.58
C GLN B 236 -2.88 11.29 12.91
N LYS B 237 -3.68 11.83 11.99
CA LYS B 237 -4.14 13.21 12.09
C LYS B 237 -4.96 13.44 13.35
N ASP B 238 -5.90 12.54 13.65
CA ASP B 238 -6.80 12.74 14.79
C ASP B 238 -6.17 12.39 16.12
N ASP B 239 -4.89 12.02 16.15
CA ASP B 239 -4.26 11.48 17.34
C ASP B 239 -2.83 12.01 17.45
N ILE B 240 -2.68 13.33 17.37
CA ILE B 240 -1.35 13.94 17.45
C ILE B 240 -1.48 15.36 17.96
N GLN B 241 -0.54 15.75 18.82
CA GLN B 241 -0.47 17.11 19.31
C GLN B 241 1.00 17.48 19.47
N ILE B 242 1.28 18.78 19.44
CA ILE B 242 2.63 19.29 19.53
C ILE B 242 2.76 20.01 20.86
N ARG B 243 3.64 19.50 21.71
CA ARG B 243 3.76 19.98 23.08
C ARG B 243 5.10 20.71 23.23
N PHE B 244 5.03 21.97 23.64
CA PHE B 244 6.20 22.72 24.09
C PHE B 244 6.27 22.57 25.60
N TYR B 245 7.30 21.89 26.08
CA TYR B 245 7.51 21.70 27.51
C TYR B 245 8.78 22.41 27.97
N GLU B 246 8.68 23.05 29.12
CA GLU B 246 9.81 23.67 29.80
C GLU B 246 9.91 23.07 31.20
N GLU B 247 11.03 22.41 31.47
CA GLU B 247 11.31 21.87 32.81
C GLU B 247 11.96 22.98 33.63
N GLU B 248 11.16 23.62 34.48
CA GLU B 248 11.65 24.71 35.32
C GLU B 248 11.98 24.21 36.72
N GLU B 249 11.85 25.08 37.73
CA GLU B 249 12.19 24.71 39.09
C GLU B 249 11.15 23.74 39.67
N ASN B 250 11.64 22.73 40.38
CA ASN B 250 10.79 21.72 41.03
C ASN B 250 9.82 21.10 40.03
N GLY B 251 10.37 20.57 38.94
CA GLY B 251 9.54 20.04 37.87
C GLY B 251 8.66 21.11 37.26
N GLY B 252 7.37 21.06 37.56
CA GLY B 252 6.45 22.09 37.13
C GLY B 252 6.51 22.38 35.64
N VAL B 253 6.55 21.33 34.82
CA VAL B 253 6.75 21.45 33.39
C VAL B 253 5.67 22.34 32.77
N TRP B 254 6.07 23.53 32.33
CA TRP B 254 5.15 24.38 31.58
C TRP B 254 4.87 23.75 30.23
N GLU B 255 3.60 23.56 29.92
CA GLU B 255 3.19 22.93 28.67
C GLU B 255 2.33 23.90 27.88
N GLY B 256 2.78 24.22 26.67
CA GLY B 256 1.98 24.92 25.68
C GLY B 256 1.68 23.99 24.53
N PHE B 257 0.54 24.20 23.88
CA PHE B 257 0.10 23.34 22.79
C PHE B 257 0.13 24.11 21.49
N GLY B 258 0.66 23.46 20.44
CA GLY B 258 0.54 24.02 19.11
C GLY B 258 -0.90 23.95 18.65
N ASP B 259 -1.41 25.07 18.11
CA ASP B 259 -2.78 25.15 17.66
C ASP B 259 -2.90 24.71 16.20
N PHE B 260 -3.63 23.63 15.97
CA PHE B 260 -3.90 23.14 14.63
C PHE B 260 -5.08 22.19 14.67
N SER B 261 -5.87 22.21 13.61
CA SER B 261 -6.94 21.24 13.40
C SER B 261 -6.39 19.99 12.74
N PRO B 262 -7.13 18.88 12.77
CA PRO B 262 -6.67 17.67 12.05
C PRO B 262 -6.46 17.90 10.56
N THR B 263 -7.18 18.85 9.95
CA THR B 263 -6.97 19.14 8.55
C THR B 263 -5.60 19.77 8.28
N ASP B 264 -4.94 20.28 9.32
CA ASP B 264 -3.59 20.80 9.18
C ASP B 264 -2.54 19.71 9.20
N VAL B 265 -2.92 18.48 9.49
CA VAL B 265 -2.01 17.34 9.35
C VAL B 265 -1.95 16.99 7.87
N HIS B 266 -0.85 17.33 7.23
CA HIS B 266 -0.71 17.12 5.80
C HIS B 266 -0.23 15.69 5.55
N ARG B 267 -1.16 14.81 5.18
CA ARG B 267 -0.81 13.48 4.66
C ARG B 267 0.10 12.71 5.62
N GLN B 268 -0.21 12.78 6.91
CA GLN B 268 0.47 12.02 7.95
C GLN B 268 1.95 12.33 8.11
N PHE B 269 2.47 13.33 7.40
CA PHE B 269 3.91 13.59 7.45
C PHE B 269 4.24 15.05 7.71
N ALA B 270 3.26 15.91 7.99
CA ALA B 270 3.55 17.31 8.23
C ALA B 270 2.43 17.93 9.04
N ILE B 271 2.80 18.87 9.91
CA ILE B 271 1.85 19.64 10.71
C ILE B 271 2.15 21.13 10.52
N VAL B 272 1.13 21.89 10.14
CA VAL B 272 1.21 23.35 10.11
C VAL B 272 0.45 23.86 11.32
N PHE B 273 1.15 24.47 12.28
CA PHE B 273 0.51 24.83 13.54
C PHE B 273 0.93 26.23 13.94
N LYS B 274 0.37 26.70 15.05
CA LYS B 274 0.70 28.01 15.61
C LYS B 274 1.29 27.82 17.01
N THR B 275 2.36 28.57 17.29
CA THR B 275 3.01 28.46 18.58
C THR B 275 2.09 28.98 19.70
N PRO B 276 2.16 28.38 20.88
CA PRO B 276 1.40 28.89 22.02
C PRO B 276 2.12 30.08 22.66
N LYS B 277 1.38 30.78 23.52
CA LYS B 277 1.99 31.85 24.31
C LYS B 277 2.88 31.27 25.39
N TYR B 278 4.06 31.86 25.55
CA TYR B 278 5.02 31.38 26.53
C TYR B 278 4.49 31.60 27.95
N LYS B 279 5.11 30.90 28.90
CA LYS B 279 4.73 31.00 30.30
C LYS B 279 4.71 32.45 30.78
N ASP B 280 5.84 33.15 30.60
CA ASP B 280 5.98 34.54 31.02
C ASP B 280 6.22 35.38 29.77
N VAL B 281 5.19 36.10 29.33
CA VAL B 281 5.30 36.91 28.13
C VAL B 281 6.21 38.11 28.32
N ASN B 282 6.52 38.46 29.57
CA ASN B 282 7.27 39.68 29.87
C ASN B 282 8.75 39.41 30.11
N ILE B 283 9.24 38.22 29.78
CA ILE B 283 10.67 37.97 29.92
C ILE B 283 11.44 38.89 28.98
N THR B 284 12.75 38.99 29.22
CA THR B 284 13.63 39.82 28.43
C THR B 284 14.84 39.08 27.87
N LYS B 285 14.95 37.78 28.10
CA LYS B 285 16.04 36.97 27.56
C LYS B 285 15.48 35.73 26.88
N PRO B 286 16.13 35.25 25.82
CA PRO B 286 15.67 34.01 25.16
C PRO B 286 15.64 32.86 26.14
N ALA B 287 14.44 32.29 26.34
CA ALA B 287 14.22 31.17 27.24
C ALA B 287 14.13 29.89 26.43
N SER B 288 15.10 29.00 26.61
CA SER B 288 15.15 27.76 25.84
C SER B 288 14.10 26.77 26.35
N VAL B 289 13.25 26.31 25.44
CA VAL B 289 12.20 25.35 25.72
C VAL B 289 12.45 24.13 24.83
N PHE B 290 11.67 23.07 25.03
CA PHE B 290 11.75 21.93 24.12
C PHE B 290 10.38 21.67 23.52
N VAL B 291 10.37 21.07 22.34
CA VAL B 291 9.15 20.78 21.61
C VAL B 291 9.18 19.31 21.21
N GLN B 292 8.01 18.67 21.27
CA GLN B 292 7.93 17.26 20.94
C GLN B 292 6.55 16.94 20.40
N LEU B 293 6.45 15.78 19.77
CA LEU B 293 5.17 15.23 19.32
C LEU B 293 4.64 14.28 20.38
N ARG B 294 3.36 14.40 20.69
CA ARG B 294 2.72 13.54 21.66
C ARG B 294 1.46 12.94 21.05
N ARG B 295 1.31 11.63 21.22
CA ARG B 295 0.16 10.88 20.71
C ARG B 295 -0.95 10.90 21.75
N LYS B 296 -2.01 11.66 21.48
CA LYS B 296 -3.11 11.82 22.43
C LYS B 296 -3.72 10.50 22.87
N SER B 297 -3.41 9.39 22.21
CA SER B 297 -4.01 8.10 22.57
C SER B 297 -3.26 7.45 23.72
N ASP B 298 -1.95 7.28 23.59
CA ASP B 298 -1.13 6.65 24.63
C ASP B 298 -0.08 7.58 25.21
N LEU B 299 0.01 8.83 24.72
CA LEU B 299 0.90 9.86 25.26
C LEU B 299 2.38 9.50 25.11
N GLU B 300 2.74 8.74 24.08
CA GLU B 300 4.16 8.54 23.79
C GLU B 300 4.71 9.76 23.06
N THR B 301 6.02 9.98 23.20
CA THR B 301 6.65 11.18 22.68
C THR B 301 7.78 10.83 21.72
N SER B 302 8.27 11.86 21.05
CA SER B 302 9.39 11.76 20.14
C SER B 302 10.65 12.28 20.82
N GLU B 303 11.76 12.27 20.09
CA GLU B 303 12.95 12.95 20.55
C GLU B 303 12.69 14.45 20.55
N PRO B 304 12.85 15.15 21.67
CA PRO B 304 12.53 16.57 21.70
C PRO B 304 13.51 17.40 20.88
N LYS B 305 13.09 18.62 20.58
CA LYS B 305 13.88 19.57 19.81
C LYS B 305 13.97 20.89 20.56
N PRO B 306 15.13 21.54 20.59
CA PRO B 306 15.21 22.84 21.25
C PRO B 306 14.44 23.90 20.49
N PHE B 307 13.96 24.90 21.24
CA PHE B 307 13.15 25.97 20.65
C PHE B 307 13.25 27.17 21.58
N LEU B 308 13.86 28.25 21.09
CA LEU B 308 14.10 29.43 21.91
C LEU B 308 12.92 30.40 21.82
N TYR B 309 12.53 30.92 22.99
CA TYR B 309 11.44 31.91 23.09
C TYR B 309 12.08 33.27 23.29
N TYR B 310 12.29 34.00 22.18
CA TYR B 310 12.86 35.33 22.27
C TYR B 310 11.77 36.35 22.61
N PRO B 311 12.13 37.41 23.34
CA PRO B 311 11.12 38.42 23.72
C PRO B 311 10.93 39.50 22.66
N GLU B 312 9.73 39.59 22.11
CA GLU B 312 9.36 40.65 21.16
C GLU B 312 10.35 40.81 20.01
#